data_1KMR
#
_entry.id   1KMR
#
_entity_poly.entity_id   1
_entity_poly.type   'polypeptide(L)'
_entity_poly.pdbx_seq_one_letter_code
;CRALIKRIQAMIPKG
;
_entity_poly.pdbx_strand_id   A
#
# COMPACT_ATOMS: atom_id res chain seq x y z
N CYS A 1 7.95 -6.29 0.38
CA CYS A 1 6.96 -5.21 0.18
C CYS A 1 6.89 -4.84 -1.32
N ARG A 2 5.71 -5.07 -1.95
CA ARG A 2 5.54 -4.98 -3.42
C ARG A 2 4.22 -4.32 -3.93
N ALA A 3 3.58 -4.99 -4.89
CA ALA A 3 2.45 -4.49 -5.69
C ALA A 3 1.07 -4.21 -5.02
N LEU A 4 0.43 -5.26 -4.49
CA LEU A 4 -0.77 -5.16 -3.63
C LEU A 4 -0.47 -4.61 -2.22
N ILE A 5 0.73 -4.85 -1.66
CA ILE A 5 1.30 -4.07 -0.54
C ILE A 5 1.18 -2.52 -0.77
N LYS A 6 1.50 -1.99 -1.97
CA LYS A 6 1.20 -0.58 -2.34
C LYS A 6 -0.30 -0.25 -2.61
N ARG A 7 -1.17 -1.18 -3.11
CA ARG A 7 -2.66 -1.04 -2.99
C ARG A 7 -3.22 -0.88 -1.52
N ILE A 8 -2.91 -1.84 -0.62
CA ILE A 8 -3.19 -1.73 0.84
C ILE A 8 -2.55 -0.47 1.49
N GLN A 9 -1.26 -0.12 1.24
CA GLN A 9 -0.63 1.12 1.80
C GLN A 9 -1.16 2.46 1.22
N ALA A 10 -1.53 2.49 -0.07
CA ALA A 10 -2.43 3.54 -0.63
C ALA A 10 -3.73 3.81 0.22
N MET A 11 -4.41 2.75 0.71
CA MET A 11 -5.42 2.90 1.82
C MET A 11 -4.88 3.17 3.29
N ILE A 12 -3.85 2.43 3.75
CA ILE A 12 -3.36 2.39 5.17
C ILE A 12 -2.47 3.61 5.70
N PRO A 13 -1.24 3.92 5.20
CA PRO A 13 -0.45 5.11 5.62
C PRO A 13 0.12 6.05 4.50
N LYS A 14 -0.38 5.92 3.24
CA LYS A 14 0.08 6.70 2.05
C LYS A 14 1.59 6.46 1.69
N GLY A 15 1.94 5.19 1.43
CA GLY A 15 3.29 4.83 0.94
C GLY A 15 3.32 3.41 0.38
N CYS A 1 7.92 -6.39 0.39
CA CYS A 1 6.98 -5.27 0.20
C CYS A 1 6.90 -4.90 -1.30
N ARG A 2 5.70 -5.08 -1.92
CA ARG A 2 5.54 -4.97 -3.39
C ARG A 2 4.21 -4.33 -3.90
N ALA A 3 3.55 -5.04 -4.81
CA ALA A 3 2.39 -4.57 -5.60
C ALA A 3 1.00 -4.33 -4.93
N LEU A 4 0.41 -5.39 -4.37
CA LEU A 4 -0.79 -5.29 -3.51
C LEU A 4 -0.48 -4.68 -2.11
N ILE A 5 0.74 -4.90 -1.57
CA ILE A 5 1.31 -4.11 -0.46
C ILE A 5 1.20 -2.56 -0.72
N LYS A 6 1.55 -2.04 -1.90
CA LYS A 6 1.28 -0.63 -2.28
C LYS A 6 -0.21 -0.25 -2.55
N ARG A 7 -1.08 -1.16 -3.04
CA ARG A 7 -2.57 -0.97 -2.96
C ARG A 7 -3.18 -0.89 -1.50
N ILE A 8 -2.92 -1.90 -0.63
CA ILE A 8 -3.21 -1.81 0.84
C ILE A 8 -2.59 -0.54 1.52
N GLN A 9 -1.31 -0.19 1.28
CA GLN A 9 -0.70 1.07 1.84
C GLN A 9 -1.24 2.40 1.23
N ALA A 10 -1.61 2.40 -0.06
CA ALA A 10 -2.52 3.44 -0.64
C ALA A 10 -3.82 3.72 0.22
N MET A 11 -4.49 2.66 0.73
CA MET A 11 -5.49 2.80 1.84
C MET A 11 -4.94 3.11 3.31
N ILE A 12 -3.91 2.37 3.77
CA ILE A 12 -3.41 2.35 5.19
C ILE A 12 -2.53 3.57 5.70
N PRO A 13 -1.31 3.88 5.18
CA PRO A 13 -0.53 5.10 5.59
C PRO A 13 0.03 6.04 4.44
N LYS A 14 -0.47 5.89 3.20
CA LYS A 14 -0.03 6.64 1.99
C LYS A 14 1.47 6.41 1.62
N GLY A 15 1.82 5.14 1.36
CA GLY A 15 3.16 4.77 0.85
C GLY A 15 3.18 3.34 0.27
N CYS A 1 8.02 -6.14 0.30
CA CYS A 1 6.98 -5.11 0.09
C CYS A 1 6.84 -4.80 -1.43
N ARG A 2 5.66 -5.09 -2.01
CA ARG A 2 5.43 -5.02 -3.48
C ARG A 2 4.10 -4.39 -3.96
N ALA A 3 3.42 -5.08 -4.86
CA ALA A 3 2.25 -4.62 -5.62
C ALA A 3 0.88 -4.36 -4.93
N LEU A 4 0.29 -5.43 -4.36
CA LEU A 4 -0.88 -5.31 -3.47
C LEU A 4 -0.56 -4.69 -2.09
N ILE A 5 0.67 -4.93 -1.57
CA ILE A 5 1.26 -4.14 -0.47
C ILE A 5 1.15 -2.59 -0.72
N LYS A 6 1.50 -2.08 -1.90
CA LYS A 6 1.27 -0.65 -2.28
C LYS A 6 -0.23 -0.25 -2.53
N ARG A 7 -1.12 -1.13 -3.02
CA ARG A 7 -2.60 -0.93 -2.91
C ARG A 7 -3.17 -0.84 -1.42
N ILE A 8 -2.89 -1.85 -0.56
CA ILE A 8 -3.16 -1.76 0.92
C ILE A 8 -2.52 -0.51 1.59
N GLN A 9 -1.23 -0.15 1.33
CA GLN A 9 -0.59 1.10 1.88
C GLN A 9 -1.15 2.43 1.29
N ALA A 10 -1.55 2.44 0.01
CA ALA A 10 -2.47 3.49 -0.54
C ALA A 10 -3.75 3.76 0.33
N MET A 11 -4.42 2.71 0.86
CA MET A 11 -5.39 2.84 1.98
C MET A 11 -4.83 3.12 3.44
N ILE A 12 -3.79 2.38 3.89
CA ILE A 12 -3.27 2.36 5.29
C ILE A 12 -2.40 3.59 5.81
N PRO A 13 -1.19 3.92 5.28
CA PRO A 13 -0.41 5.13 5.69
C PRO A 13 0.12 6.10 4.56
N LYS A 14 -0.37 5.96 3.32
CA LYS A 14 0.05 6.75 2.12
C LYS A 14 1.57 6.60 1.77
N GLY A 15 1.99 5.35 1.53
CA GLY A 15 3.37 5.06 1.07
C GLY A 15 3.55 3.56 0.80
N CYS A 1 8.10 -5.91 0.12
CA CYS A 1 7.00 -4.94 -0.08
C CYS A 1 6.79 -4.69 -1.60
N ARG A 2 5.59 -5.03 -2.12
CA ARG A 2 5.31 -5.00 -3.58
C ARG A 2 3.95 -4.37 -4.01
N ALA A 3 3.29 -5.04 -4.95
CA ALA A 3 2.10 -4.58 -5.68
C ALA A 3 0.75 -4.30 -4.95
N LEU A 4 0.16 -5.36 -4.37
CA LEU A 4 -1.00 -5.25 -3.46
C LEU A 4 -0.64 -4.68 -2.06
N ILE A 5 0.59 -4.92 -1.58
CA ILE A 5 1.21 -4.13 -0.48
C ILE A 5 1.06 -2.58 -0.73
N LYS A 6 1.33 -2.06 -1.93
CA LYS A 6 1.02 -0.64 -2.30
C LYS A 6 -0.50 -0.30 -2.52
N ARG A 7 -1.37 -1.22 -2.98
CA ARG A 7 -2.87 -1.11 -2.79
C ARG A 7 -3.33 -0.94 -1.29
N ILE A 8 -2.96 -1.88 -0.39
CA ILE A 8 -3.18 -1.77 1.08
C ILE A 8 -2.51 -0.52 1.71
N GLN A 9 -1.25 -0.14 1.39
CA GLN A 9 -0.60 1.10 1.94
C GLN A 9 -1.19 2.43 1.37
N ALA A 10 -1.62 2.45 0.09
CA ALA A 10 -2.57 3.49 -0.41
C ALA A 10 -3.83 3.74 0.50
N MET A 11 -4.47 2.67 1.02
CA MET A 11 -5.43 2.78 2.18
C MET A 11 -4.83 3.07 3.62
N ILE A 12 -3.76 2.35 4.04
CA ILE A 12 -3.20 2.34 5.44
C ILE A 12 -2.34 3.57 5.92
N PRO A 13 -1.15 3.92 5.36
CA PRO A 13 -0.37 5.14 5.76
C PRO A 13 0.11 6.12 4.62
N LYS A 14 -0.42 5.97 3.39
CA LYS A 14 -0.05 6.78 2.19
C LYS A 14 1.47 6.66 1.79
N GLY A 15 1.89 5.41 1.52
CA GLY A 15 3.26 5.13 1.02
C GLY A 15 3.43 3.65 0.72
N CYS A 1 7.94 -6.19 -0.27
CA CYS A 1 6.99 -5.07 -0.39
C CYS A 1 6.78 -4.71 -1.88
N ARG A 2 5.55 -4.93 -2.39
CA ARG A 2 5.24 -4.81 -3.84
C ARG A 2 3.80 -4.27 -4.15
N ALA A 3 3.10 -4.97 -5.05
CA ALA A 3 1.83 -4.55 -5.67
C ALA A 3 0.58 -4.40 -4.76
N LEU A 4 0.22 -5.51 -4.10
CA LEU A 4 -0.93 -5.57 -3.15
C LEU A 4 -0.65 -4.87 -1.82
N ILE A 5 0.61 -4.94 -1.37
CA ILE A 5 1.22 -4.03 -0.37
C ILE A 5 0.97 -2.51 -0.71
N LYS A 6 1.18 -2.04 -1.95
CA LYS A 6 0.83 -0.65 -2.36
C LYS A 6 -0.68 -0.32 -2.53
N ARG A 7 -1.55 -1.27 -2.96
CA ARG A 7 -3.05 -1.14 -2.82
C ARG A 7 -3.54 -0.92 -1.34
N ILE A 8 -3.17 -1.84 -0.43
CA ILE A 8 -3.38 -1.71 1.04
C ILE A 8 -2.69 -0.44 1.64
N GLN A 9 -1.41 -0.11 1.36
CA GLN A 9 -0.76 1.15 1.86
C GLN A 9 -1.34 2.47 1.28
N ALA A 10 -1.78 2.48 0.03
CA ALA A 10 -2.71 3.53 -0.51
C ALA A 10 -3.95 3.82 0.41
N MET A 11 -4.62 2.78 0.94
CA MET A 11 -5.56 2.94 2.10
C MET A 11 -4.95 3.20 3.56
N ILE A 12 -3.92 2.43 3.97
CA ILE A 12 -3.35 2.39 5.37
C ILE A 12 -2.46 3.59 5.89
N PRO A 13 -1.26 3.92 5.34
CA PRO A 13 -0.45 5.11 5.78
C PRO A 13 0.07 6.10 4.67
N LYS A 14 -0.31 5.88 3.38
CA LYS A 14 0.08 6.71 2.20
C LYS A 14 1.54 6.42 1.74
N GLY A 15 2.58 6.85 2.50
CA GLY A 15 3.97 6.45 2.24
C GLY A 15 4.30 5.09 2.87
N CYS A 1 7.73 -6.72 0.36
CA CYS A 1 7.00 -5.45 0.17
C CYS A 1 6.90 -5.12 -1.34
N ARG A 2 5.69 -5.25 -1.92
CA ARG A 2 5.48 -5.13 -3.39
C ARG A 2 4.15 -4.45 -3.85
N ALA A 3 3.48 -5.10 -4.79
CA ALA A 3 2.31 -4.58 -5.55
C ALA A 3 0.95 -4.33 -4.86
N LEU A 4 0.33 -5.39 -4.32
CA LEU A 4 -0.85 -5.29 -3.44
C LEU A 4 -0.51 -4.68 -2.05
N ILE A 5 0.71 -4.93 -1.52
CA ILE A 5 1.31 -4.14 -0.43
C ILE A 5 1.22 -2.60 -0.69
N LYS A 6 1.56 -2.08 -1.88
CA LYS A 6 1.30 -0.66 -2.25
C LYS A 6 -0.20 -0.27 -2.49
N ARG A 7 -1.09 -1.15 -2.98
CA ARG A 7 -2.57 -0.93 -2.89
C ARG A 7 -3.16 -0.85 -1.41
N ILE A 8 -2.88 -1.86 -0.54
CA ILE A 8 -3.15 -1.77 0.93
C ILE A 8 -2.50 -0.51 1.61
N GLN A 9 -1.22 -0.15 1.35
CA GLN A 9 -0.58 1.09 1.90
C GLN A 9 -1.14 2.43 1.31
N ALA A 10 -1.53 2.44 0.03
CA ALA A 10 -2.46 3.49 -0.52
C ALA A 10 -3.74 3.75 0.35
N MET A 11 -4.41 2.69 0.87
CA MET A 11 -5.40 2.83 1.99
C MET A 11 -4.85 3.11 3.44
N ILE A 12 -3.80 2.38 3.90
CA ILE A 12 -3.28 2.35 5.31
C ILE A 12 -2.43 3.58 5.82
N PRO A 13 -1.21 3.92 5.31
CA PRO A 13 -0.43 5.13 5.73
C PRO A 13 0.10 6.10 4.61
N LYS A 14 -0.40 5.96 3.36
CA LYS A 14 0.02 6.77 2.18
C LYS A 14 1.53 6.61 1.81
N GLY A 15 1.94 5.35 1.54
CA GLY A 15 3.30 5.03 1.06
C GLY A 15 3.40 3.58 0.61
N CYS A 1 8.32 -5.32 -0.36
CA CYS A 1 7.09 -4.54 -0.59
C CYS A 1 6.79 -4.45 -2.11
N ARG A 2 5.58 -4.89 -2.52
CA ARG A 2 5.15 -4.89 -3.95
C ARG A 2 3.68 -4.44 -4.17
N ALA A 3 3.00 -5.12 -5.09
CA ALA A 3 1.68 -4.77 -5.65
C ALA A 3 0.47 -4.67 -4.68
N LEU A 4 0.19 -5.78 -3.99
CA LEU A 4 -0.91 -5.88 -3.00
C LEU A 4 -0.63 -5.09 -1.70
N ILE A 5 0.64 -5.12 -1.28
CA ILE A 5 1.26 -4.20 -0.32
C ILE A 5 0.99 -2.69 -0.68
N LYS A 6 1.25 -2.21 -1.90
CA LYS A 6 0.94 -0.81 -2.29
C LYS A 6 -0.55 -0.41 -2.50
N ARG A 7 -1.45 -1.31 -2.94
CA ARG A 7 -2.94 -1.11 -2.79
C ARG A 7 -3.44 -0.99 -1.31
N ILE A 8 -3.09 -1.96 -0.43
CA ILE A 8 -3.31 -1.84 1.05
C ILE A 8 -2.65 -0.57 1.67
N GLN A 9 -1.37 -0.23 1.37
CA GLN A 9 -0.73 1.03 1.88
C GLN A 9 -1.31 2.35 1.30
N ALA A 10 -1.74 2.36 0.03
CA ALA A 10 -2.66 3.41 -0.52
C ALA A 10 -3.92 3.71 0.38
N MET A 11 -4.58 2.68 0.93
CA MET A 11 -5.52 2.84 2.09
C MET A 11 -4.91 3.12 3.53
N ILE A 12 -3.89 2.35 3.96
CA ILE A 12 -3.33 2.32 5.36
C ILE A 12 -2.43 3.52 5.85
N PRO A 13 -1.22 3.83 5.29
CA PRO A 13 -0.41 5.03 5.68
C PRO A 13 0.11 5.98 4.54
N LYS A 14 -0.27 5.72 3.27
CA LYS A 14 0.13 6.51 2.06
C LYS A 14 1.64 6.88 1.92
N GLY A 15 2.49 5.83 1.94
CA GLY A 15 3.94 5.98 1.73
C GLY A 15 4.56 4.60 1.50
N CYS A 1 7.92 -6.46 0.80
CA CYS A 1 6.95 -5.39 0.48
C CYS A 1 6.93 -5.13 -1.05
N ARG A 2 5.76 -5.34 -1.69
CA ARG A 2 5.63 -5.30 -3.18
C ARG A 2 4.35 -4.60 -3.73
N ALA A 3 3.70 -5.27 -4.68
CA ALA A 3 2.60 -4.74 -5.51
C ALA A 3 1.20 -4.43 -4.91
N LEU A 4 0.53 -5.46 -4.37
CA LEU A 4 -0.70 -5.31 -3.56
C LEU A 4 -0.41 -4.70 -2.15
N ILE A 5 0.77 -4.97 -1.57
CA ILE A 5 1.33 -4.17 -0.44
C ILE A 5 1.28 -2.64 -0.72
N LYS A 6 1.74 -2.14 -1.87
CA LYS A 6 1.59 -0.70 -2.26
C LYS A 6 0.15 -0.23 -2.63
N ARG A 7 -0.74 -1.09 -3.19
CA ARG A 7 -2.21 -0.82 -3.19
C ARG A 7 -2.89 -0.77 -1.76
N ILE A 8 -2.73 -1.79 -0.88
CA ILE A 8 -3.11 -1.69 0.58
C ILE A 8 -2.50 -0.45 1.30
N GLN A 9 -1.20 -0.12 1.13
CA GLN A 9 -0.58 1.12 1.69
C GLN A 9 -1.09 2.46 1.04
N ALA A 10 -1.41 2.44 -0.26
CA ALA A 10 -2.28 3.49 -0.89
C ALA A 10 -3.60 3.82 -0.08
N MET A 11 -4.33 2.80 0.41
CA MET A 11 -5.35 2.97 1.49
C MET A 11 -4.86 3.25 2.97
N ILE A 12 -3.86 2.49 3.48
CA ILE A 12 -3.43 2.47 4.92
C ILE A 12 -2.57 3.68 5.47
N PRO A 13 -1.31 3.98 5.02
CA PRO A 13 -0.54 5.18 5.47
C PRO A 13 0.08 6.13 4.38
N LYS A 14 -0.31 5.99 3.09
CA LYS A 14 0.21 6.76 1.94
C LYS A 14 1.75 6.57 1.70
N GLY A 15 2.18 5.31 1.51
CA GLY A 15 3.57 4.99 1.16
C GLY A 15 3.75 3.48 0.98
N CYS A 1 7.89 -6.48 0.37
CA CYS A 1 6.95 -5.34 0.20
C CYS A 1 6.89 -4.93 -1.29
N ARG A 2 5.71 -5.12 -1.92
CA ARG A 2 5.55 -4.98 -3.40
C ARG A 2 4.23 -4.33 -3.90
N ALA A 3 3.56 -5.02 -4.81
CA ALA A 3 2.41 -4.53 -5.60
C ALA A 3 1.02 -4.28 -4.93
N LEU A 4 0.42 -5.34 -4.38
CA LEU A 4 -0.78 -5.24 -3.52
C LEU A 4 -0.48 -4.64 -2.12
N ILE A 5 0.74 -4.88 -1.58
CA ILE A 5 1.32 -4.10 -0.46
C ILE A 5 1.22 -2.55 -0.71
N LYS A 6 1.58 -2.03 -1.88
CA LYS A 6 1.34 -0.59 -2.24
C LYS A 6 -0.14 -0.20 -2.52
N ARG A 7 -1.03 -1.08 -3.04
CA ARG A 7 -2.51 -0.88 -2.96
C ARG A 7 -3.11 -0.80 -1.49
N ILE A 8 -2.85 -1.82 -0.62
CA ILE A 8 -3.14 -1.73 0.85
C ILE A 8 -2.50 -0.48 1.53
N GLN A 9 -1.22 -0.11 1.28
CA GLN A 9 -0.61 1.14 1.83
C GLN A 9 -1.17 2.47 1.23
N ALA A 10 -1.56 2.48 -0.05
CA ALA A 10 -2.48 3.52 -0.61
C ALA A 10 -3.76 3.80 0.25
N MET A 11 -4.42 2.74 0.77
CA MET A 11 -5.42 2.87 1.90
C MET A 11 -4.84 3.16 3.36
N ILE A 12 -3.80 2.44 3.80
CA ILE A 12 -3.28 2.41 5.22
C ILE A 12 -2.41 3.64 5.72
N PRO A 13 -1.19 3.96 5.18
CA PRO A 13 -0.42 5.19 5.58
C PRO A 13 0.09 6.12 4.41
N LYS A 14 -0.50 6.01 3.20
CA LYS A 14 -0.17 6.79 1.98
C LYS A 14 1.29 6.54 1.46
N GLY A 15 1.57 5.27 1.10
CA GLY A 15 2.81 4.89 0.42
C GLY A 15 2.69 3.54 -0.30
N CYS A 1 8.08 -5.96 0.53
CA CYS A 1 6.98 -5.02 0.26
C CYS A 1 6.86 -4.75 -1.27
N ARG A 2 5.68 -5.05 -1.86
CA ARG A 2 5.48 -4.97 -3.33
C ARG A 2 4.14 -4.33 -3.81
N ALA A 3 3.49 -5.00 -4.76
CA ALA A 3 2.34 -4.51 -5.54
C ALA A 3 0.96 -4.28 -4.88
N LEU A 4 0.34 -5.35 -4.33
CA LEU A 4 -0.85 -5.25 -3.47
C LEU A 4 -0.55 -4.66 -2.07
N ILE A 5 0.66 -4.91 -1.52
CA ILE A 5 1.24 -4.16 -0.39
C ILE A 5 1.13 -2.60 -0.60
N LYS A 6 1.51 -2.06 -1.76
CA LYS A 6 1.30 -0.62 -2.11
C LYS A 6 -0.17 -0.20 -2.40
N ARG A 7 -1.06 -1.08 -2.95
CA ARG A 7 -2.54 -0.87 -2.87
C ARG A 7 -3.16 -0.80 -1.40
N ILE A 8 -2.89 -1.82 -0.54
CA ILE A 8 -3.19 -1.74 0.93
C ILE A 8 -2.54 -0.49 1.63
N GLN A 9 -1.26 -0.13 1.38
CA GLN A 9 -0.65 1.12 1.93
C GLN A 9 -1.22 2.45 1.35
N ALA A 10 -1.60 2.47 0.06
CA ALA A 10 -2.51 3.52 -0.50
C ALA A 10 -3.80 3.79 0.36
N MET A 11 -4.47 2.73 0.88
CA MET A 11 -5.45 2.86 2.01
C MET A 11 -4.87 3.15 3.46
N ILE A 12 -3.84 2.40 3.91
CA ILE A 12 -3.32 2.38 5.32
C ILE A 12 -2.44 3.60 5.83
N PRO A 13 -1.22 3.91 5.30
CA PRO A 13 -0.43 5.14 5.69
C PRO A 13 0.09 6.07 4.54
N LYS A 14 -0.46 5.94 3.31
CA LYS A 14 -0.05 6.70 2.09
C LYS A 14 1.43 6.45 1.66
N GLY A 15 1.75 5.18 1.36
CA GLY A 15 3.05 4.79 0.79
C GLY A 15 2.99 3.42 0.08
N CYS A 1 8.10 -6.01 0.17
CA CYS A 1 7.00 -5.04 -0.02
C CYS A 1 6.80 -4.78 -1.54
N ARG A 2 5.60 -5.10 -2.07
CA ARG A 2 5.32 -5.05 -3.53
C ARG A 2 3.97 -4.40 -3.96
N ALA A 3 3.31 -5.04 -4.92
CA ALA A 3 2.14 -4.55 -5.66
C ALA A 3 0.80 -4.25 -4.94
N LEU A 4 0.18 -5.30 -4.38
CA LEU A 4 -0.98 -5.19 -3.47
C LEU A 4 -0.63 -4.65 -2.07
N ILE A 5 0.59 -4.91 -1.57
CA ILE A 5 1.20 -4.15 -0.45
C ILE A 5 1.08 -2.60 -0.67
N LYS A 6 1.38 -2.05 -1.86
CA LYS A 6 1.09 -0.63 -2.21
C LYS A 6 -0.40 -0.26 -2.44
N ARG A 7 -1.28 -1.16 -2.95
CA ARG A 7 -2.78 -1.03 -2.79
C ARG A 7 -3.28 -0.86 -1.29
N ILE A 8 -2.91 -1.82 -0.40
CA ILE A 8 -3.15 -1.71 1.07
C ILE A 8 -2.47 -0.47 1.71
N GLN A 9 -1.21 -0.08 1.40
CA GLN A 9 -0.58 1.17 1.96
C GLN A 9 -1.16 2.50 1.39
N ALA A 10 -1.58 2.53 0.12
CA ALA A 10 -2.54 3.57 -0.39
C ALA A 10 -3.81 3.80 0.51
N MET A 11 -4.44 2.72 1.04
CA MET A 11 -5.41 2.82 2.19
C MET A 11 -4.80 3.11 3.63
N ILE A 12 -3.73 2.40 4.04
CA ILE A 12 -3.18 2.38 5.45
C ILE A 12 -2.32 3.63 5.94
N PRO A 13 -1.14 3.98 5.38
CA PRO A 13 -0.36 5.21 5.78
C PRO A 13 0.11 6.18 4.64
N LYS A 14 -0.42 6.04 3.40
CA LYS A 14 -0.07 6.86 2.20
C LYS A 14 1.45 6.73 1.80
N GLY A 15 1.89 5.49 1.52
CA GLY A 15 3.24 5.22 1.00
C GLY A 15 3.43 3.74 0.66
N CYS A 1 7.75 -6.62 0.44
CA CYS A 1 6.98 -5.35 0.29
C CYS A 1 6.91 -4.96 -1.20
N ARG A 2 5.72 -5.14 -1.83
CA ARG A 2 5.57 -5.01 -3.30
C ARG A 2 4.25 -4.34 -3.81
N ALA A 3 3.63 -4.98 -4.79
CA ALA A 3 2.51 -4.47 -5.59
C ALA A 3 1.11 -4.20 -4.95
N LEU A 4 0.47 -5.26 -4.43
CA LEU A 4 -0.74 -5.16 -3.60
C LEU A 4 -0.47 -4.61 -2.17
N ILE A 5 0.72 -4.88 -1.62
CA ILE A 5 1.28 -4.13 -0.46
C ILE A 5 1.16 -2.56 -0.68
N LYS A 6 1.51 -2.02 -1.86
CA LYS A 6 1.22 -0.61 -2.22
C LYS A 6 -0.27 -0.26 -2.52
N ARG A 7 -1.12 -1.17 -3.06
CA ARG A 7 -2.63 -1.04 -2.96
C ARG A 7 -3.20 -0.88 -1.49
N ILE A 8 -2.88 -1.84 -0.59
CA ILE A 8 -3.19 -1.73 0.87
C ILE A 8 -2.54 -0.48 1.54
N GLN A 9 -1.26 -0.11 1.29
CA GLN A 9 -0.66 1.15 1.85
C GLN A 9 -1.23 2.48 1.26
N ALA A 10 -1.59 2.50 -0.03
CA ALA A 10 -2.51 3.54 -0.59
C ALA A 10 -3.82 3.78 0.25
N MET A 11 -4.48 2.71 0.75
CA MET A 11 -5.48 2.82 1.86
C MET A 11 -4.95 3.12 3.33
N ILE A 12 -3.90 2.40 3.80
CA ILE A 12 -3.40 2.39 5.22
C ILE A 12 -2.55 3.62 5.74
N PRO A 13 -1.33 3.95 5.23
CA PRO A 13 -0.57 5.17 5.64
C PRO A 13 -0.02 6.12 4.50
N LYS A 14 -0.56 5.98 3.26
CA LYS A 14 -0.14 6.76 2.05
C LYS A 14 1.36 6.54 1.65
N GLY A 15 1.71 5.27 1.36
CA GLY A 15 3.04 4.92 0.81
C GLY A 15 3.02 3.53 0.15
N CYS A 1 7.97 -6.15 0.22
CA CYS A 1 6.94 -5.13 0.00
C CYS A 1 6.78 -4.83 -1.52
N ARG A 2 5.56 -5.04 -2.07
CA ARG A 2 5.31 -4.96 -3.53
C ARG A 2 3.96 -4.30 -3.96
N ALA A 3 3.29 -4.95 -4.91
CA ALA A 3 2.12 -4.46 -5.65
C ALA A 3 0.77 -4.20 -4.94
N LEU A 4 0.16 -5.25 -4.38
CA LEU A 4 -1.00 -5.15 -3.47
C LEU A 4 -0.65 -4.60 -2.06
N ILE A 5 0.57 -4.85 -1.57
CA ILE A 5 1.18 -4.07 -0.46
C ILE A 5 1.05 -2.52 -0.69
N LYS A 6 1.33 -1.98 -1.90
CA LYS A 6 1.01 -0.57 -2.25
C LYS A 6 -0.51 -0.23 -2.47
N ARG A 7 -1.37 -1.16 -2.94
CA ARG A 7 -2.87 -1.03 -2.78
C ARG A 7 -3.37 -0.88 -1.28
N ILE A 8 -3.01 -1.84 -0.39
CA ILE A 8 -3.23 -1.72 1.08
C ILE A 8 -2.55 -0.46 1.70
N GLN A 9 -1.29 -0.10 1.40
CA GLN A 9 -0.65 1.14 1.95
C GLN A 9 -1.22 2.48 1.39
N ALA A 10 -1.65 2.51 0.12
CA ALA A 10 -2.59 3.57 -0.38
C ALA A 10 -3.84 3.82 0.55
N MET A 11 -4.50 2.75 1.06
CA MET A 11 -5.40 2.85 2.25
C MET A 11 -4.75 3.06 3.70
N ILE A 12 -3.66 2.35 4.08
CA ILE A 12 -3.10 2.30 5.48
C ILE A 12 -2.26 3.56 5.95
N PRO A 13 -1.09 3.94 5.35
CA PRO A 13 -0.35 5.20 5.71
C PRO A 13 0.06 6.16 4.53
N LYS A 14 -0.56 6.02 3.35
CA LYS A 14 -0.30 6.81 2.12
C LYS A 14 1.14 6.61 1.54
N GLY A 15 1.44 5.34 1.18
CA GLY A 15 2.67 5.00 0.43
C GLY A 15 2.56 3.62 -0.24
N CYS A 1 7.85 -6.64 0.57
CA CYS A 1 6.96 -5.48 0.38
C CYS A 1 6.98 -5.06 -1.11
N ARG A 2 5.82 -5.21 -1.81
CA ARG A 2 5.74 -5.06 -3.28
C ARG A 2 4.45 -4.37 -3.83
N ALA A 3 3.81 -5.04 -4.78
CA ALA A 3 2.70 -4.52 -5.62
C ALA A 3 1.30 -4.25 -5.01
N LEU A 4 0.64 -5.30 -4.50
CA LEU A 4 -0.59 -5.20 -3.68
C LEU A 4 -0.33 -4.61 -2.27
N ILE A 5 0.87 -4.87 -1.69
CA ILE A 5 1.40 -4.10 -0.53
C ILE A 5 1.34 -2.55 -0.78
N LYS A 6 1.79 -2.02 -1.93
CA LYS A 6 1.60 -0.58 -2.29
C LYS A 6 0.15 -0.14 -2.66
N ARG A 7 -0.71 -1.00 -3.23
CA ARG A 7 -2.20 -0.74 -3.25
C ARG A 7 -2.89 -0.72 -1.82
N ILE A 8 -2.72 -1.76 -0.97
CA ILE A 8 -3.11 -1.68 0.50
C ILE A 8 -2.50 -0.44 1.23
N GLN A 9 -1.21 -0.09 1.06
CA GLN A 9 -0.61 1.16 1.63
C GLN A 9 -1.14 2.50 1.00
N ALA A 10 -1.47 2.48 -0.30
CA ALA A 10 -2.34 3.53 -0.93
C ALA A 10 -3.66 3.86 -0.12
N MET A 11 -4.37 2.83 0.38
CA MET A 11 -5.38 3.00 1.48
C MET A 11 -4.85 3.25 2.97
N ILE A 12 -3.84 2.48 3.45
CA ILE A 12 -3.39 2.44 4.88
C ILE A 12 -2.51 3.63 5.45
N PRO A 13 -1.26 3.93 4.99
CA PRO A 13 -0.44 5.09 5.48
C PRO A 13 0.22 6.05 4.42
N LYS A 14 -0.34 6.08 3.20
CA LYS A 14 -0.05 7.06 2.12
C LYS A 14 1.27 6.73 1.32
N GLY A 15 1.37 5.49 0.83
CA GLY A 15 2.52 5.06 0.00
C GLY A 15 2.34 3.66 -0.60
N CYS A 1 7.95 -7.15 0.14
CA CYS A 1 7.19 -5.88 0.07
C CYS A 1 7.21 -5.35 -1.38
N ARG A 2 6.04 -5.42 -2.07
CA ARG A 2 5.94 -5.14 -3.53
C ARG A 2 4.57 -4.51 -3.95
N ALA A 3 3.94 -5.13 -4.95
CA ALA A 3 2.74 -4.62 -5.66
C ALA A 3 1.43 -4.43 -4.87
N LEU A 4 0.97 -5.55 -4.31
CA LEU A 4 -0.27 -5.62 -3.50
C LEU A 4 -0.14 -4.92 -2.13
N ILE A 5 1.04 -5.06 -1.52
CA ILE A 5 1.58 -4.25 -0.42
C ILE A 5 1.48 -2.69 -0.69
N LYS A 6 1.98 -2.18 -1.83
CA LYS A 6 1.89 -0.73 -2.18
C LYS A 6 0.50 -0.18 -2.62
N ARG A 7 -0.36 -0.97 -3.28
CA ARG A 7 -1.82 -0.65 -3.40
C ARG A 7 -2.59 -0.68 -2.02
N ILE A 8 -2.37 -1.67 -1.14
CA ILE A 8 -2.87 -1.62 0.28
C ILE A 8 -2.32 -0.39 1.04
N GLN A 9 -1.00 -0.03 1.03
CA GLN A 9 -0.52 1.26 1.60
C GLN A 9 -1.06 2.57 0.91
N ALA A 10 -1.31 2.53 -0.42
CA ALA A 10 -2.15 3.57 -1.09
C ALA A 10 -3.52 3.87 -0.35
N MET A 11 -4.26 2.83 0.07
CA MET A 11 -5.33 2.95 1.12
C MET A 11 -4.96 3.08 2.67
N ILE A 12 -3.91 2.40 3.19
CA ILE A 12 -3.61 2.26 4.67
C ILE A 12 -3.09 3.52 5.46
N PRO A 13 -1.95 4.17 5.17
CA PRO A 13 -1.48 5.41 5.87
C PRO A 13 -1.33 6.72 5.05
N LYS A 14 -1.40 6.65 3.72
CA LYS A 14 -1.29 7.83 2.82
C LYS A 14 -2.54 7.86 1.89
N GLY A 15 -3.66 8.41 2.41
CA GLY A 15 -4.95 8.44 1.67
C GLY A 15 -5.81 7.20 1.94
N CYS A 1 8.04 -6.90 0.45
CA CYS A 1 7.18 -5.72 0.25
C CYS A 1 7.18 -5.29 -1.24
N ARG A 2 6.02 -5.42 -1.91
CA ARG A 2 5.91 -5.20 -3.38
C ARG A 2 4.56 -4.58 -3.83
N ALA A 3 3.95 -5.16 -4.86
CA ALA A 3 2.79 -4.65 -5.60
C ALA A 3 1.44 -4.45 -4.84
N LEU A 4 0.96 -5.57 -4.28
CA LEU A 4 -0.30 -5.62 -3.51
C LEU A 4 -0.18 -4.94 -2.13
N ILE A 5 0.98 -5.10 -1.49
CA ILE A 5 1.49 -4.29 -0.38
C ILE A 5 1.42 -2.74 -0.65
N LYS A 6 1.95 -2.22 -1.76
CA LYS A 6 1.90 -0.76 -2.11
C LYS A 6 0.54 -0.19 -2.57
N ARG A 7 -0.32 -0.96 -3.27
CA ARG A 7 -1.78 -0.62 -3.41
C ARG A 7 -2.58 -0.64 -2.04
N ILE A 8 -2.38 -1.66 -1.16
CA ILE A 8 -2.92 -1.61 0.24
C ILE A 8 -2.36 -0.39 1.03
N GLN A 9 -1.05 -0.05 1.05
CA GLN A 9 -0.56 1.24 1.65
C GLN A 9 -1.06 2.54 0.95
N ALA A 10 -1.28 2.53 -0.38
CA ALA A 10 -2.09 3.58 -1.06
C ALA A 10 -3.47 3.90 -0.34
N MET A 11 -4.24 2.87 0.04
CA MET A 11 -5.33 3.00 1.07
C MET A 11 -4.99 3.11 2.63
N ILE A 12 -3.97 2.40 3.17
CA ILE A 12 -3.70 2.25 4.65
C ILE A 12 -3.19 3.49 5.47
N PRO A 13 -2.02 4.12 5.21
CA PRO A 13 -1.55 5.34 5.93
C PRO A 13 -1.35 6.66 5.13
N LYS A 14 -1.41 6.60 3.79
CA LYS A 14 -1.26 7.80 2.91
C LYS A 14 -2.48 7.86 1.96
N GLY A 15 -3.61 8.41 2.45
CA GLY A 15 -4.88 8.48 1.70
C GLY A 15 -5.76 7.24 1.92
N CYS A 1 8.05 -6.59 -0.60
CA CYS A 1 7.19 -5.40 -0.61
C CYS A 1 6.93 -4.97 -2.09
N ARG A 2 5.68 -5.17 -2.56
CA ARG A 2 5.33 -5.01 -4.01
C ARG A 2 3.88 -4.51 -4.25
N ALA A 3 3.15 -5.24 -5.09
CA ALA A 3 1.83 -4.87 -5.64
C ALA A 3 0.64 -4.73 -4.68
N LEU A 4 0.35 -5.83 -3.96
CA LEU A 4 -0.74 -5.92 -2.97
C LEU A 4 -0.46 -5.10 -1.70
N ILE A 5 0.81 -5.13 -1.27
CA ILE A 5 1.45 -4.21 -0.31
C ILE A 5 1.18 -2.69 -0.67
N LYS A 6 1.40 -2.22 -1.90
CA LYS A 6 1.11 -0.82 -2.32
C LYS A 6 -0.39 -0.44 -2.52
N ARG A 7 -1.28 -1.33 -2.97
CA ARG A 7 -2.77 -1.15 -2.82
C ARG A 7 -3.28 -1.02 -1.34
N ILE A 8 -2.86 -1.95 -0.44
CA ILE A 8 -3.08 -1.79 1.04
C ILE A 8 -2.44 -0.48 1.58
N GLN A 9 -1.16 -0.11 1.38
CA GLN A 9 -0.62 1.21 1.84
C GLN A 9 -1.27 2.48 1.19
N ALA A 10 -1.70 2.41 -0.07
CA ALA A 10 -2.65 3.41 -0.64
C ALA A 10 -3.91 3.70 0.28
N MET A 11 -4.60 2.65 0.79
CA MET A 11 -5.53 2.78 1.96
C MET A 11 -4.99 2.96 3.45
N ILE A 12 -3.86 2.30 3.85
CA ILE A 12 -3.39 2.19 5.28
C ILE A 12 -2.81 3.47 6.00
N PRO A 13 -1.73 4.14 5.55
CA PRO A 13 -1.19 5.38 6.19
C PRO A 13 -1.27 6.71 5.39
N LYS A 14 -1.28 6.64 4.05
CA LYS A 14 -1.35 7.84 3.18
C LYS A 14 -2.74 7.81 2.47
N GLY A 15 -3.76 8.38 3.13
CA GLY A 15 -5.16 8.36 2.64
C GLY A 15 -5.91 7.10 3.07
#